data_6OPJ
#
_entry.id   6OPJ
#
_cell.length_a   47.867
_cell.length_b   78.145
_cell.length_c   123.702
_cell.angle_alpha   90.000
_cell.angle_beta   90.000
_cell.angle_gamma   90.000
#
_symmetry.space_group_name_H-M   'P 21 21 21'
#
loop_
_entity.id
_entity.type
_entity.pdbx_description
1 polymer Menin
2 polymer 'Peptide inhibitor 25'
3 non-polymer 'DIMETHYL SULFOXIDE'
4 non-polymer 'SULFATE ION'
5 non-polymer 'TETRAETHYLENE GLYCOL'
6 water water
#
loop_
_entity_poly.entity_id
_entity_poly.type
_entity_poly.pdbx_seq_one_letter_code
_entity_poly.pdbx_strand_id
1 'polypeptide(L)'
;GGSSSMGLKAAQKTLFPLRSIDDVVRLFAAELGREEPDLVLLSLVLGFVEHFLAVNRVGLTYFPVADLSIIAALYARFTA
QIRGAVDLSLYPREGGVSSRELVKKVSDVIWNSLSRSYFKDRAHIQSLFSFITGTKLDSSGVAFAVVGACQALGLRDVHL
ALSEDHAWVVFGPNGEQTAEVTWHGKGNEDRRGQTVNAGVAERSWLYLKGSYMRCDRKMEVAFMVCAINPSIDLHTDSLE
LLQLQQKLLWLLYDLGHLERYPMALGNLADLEELEPTPGRPDPLTLYHKGIASAKTYYRDEHIYPYMYLAGYHCRNRNVR
EALQAWADTATVIQDYNYCREDEEIYKEFFEVANDVIPNLLKEAASLLEAGSQGSALQDPECFAHLLRFYDGICKWEEGS
PTPVLHVGWATFLVQSLGRFEGQVRQKVRIVSVPAPAASPPPEGPVLTFQSEKMKGMKELLVATKINSSAIKLQLTAQSQ
VQMKKQKVS
;
A
2 'polypeptide(L)' (ACE)ARW(ABA)(N0A)P(192)(ABA)P(ORN)RR B
#
loop_
_chem_comp.id
_chem_comp.type
_chem_comp.name
_chem_comp.formula
ACE non-polymer 'ACETYL GROUP' 'C2 H4 O'
DMS non-polymer 'DIMETHYL SULFOXIDE' 'C2 H6 O S'
PG4 non-polymer 'TETRAETHYLENE GLYCOL' 'C8 H18 O5'
SO4 non-polymer 'SULFATE ION' 'O4 S -2'
#
# COMPACT_ATOMS: atom_id res chain seq x y z
N GLY A 7 -2.41 -30.00 4.15
CA GLY A 7 -2.32 -31.45 4.14
C GLY A 7 -0.94 -31.97 3.77
N LEU A 8 -0.65 -32.07 2.47
CA LEU A 8 -1.61 -31.76 1.41
C LEU A 8 -2.66 -32.84 1.28
N LYS A 9 -3.91 -32.41 1.13
CA LYS A 9 -5.01 -33.34 0.94
C LYS A 9 -5.09 -33.74 -0.52
N ALA A 10 -5.66 -34.93 -0.76
CA ALA A 10 -5.76 -35.44 -2.12
C ALA A 10 -6.47 -34.44 -3.03
N ALA A 11 -7.52 -33.80 -2.53
CA ALA A 11 -8.30 -32.88 -3.36
C ALA A 11 -7.47 -31.69 -3.81
N GLN A 12 -6.47 -31.29 -3.01
CA GLN A 12 -5.61 -30.19 -3.38
C GLN A 12 -4.60 -30.54 -4.45
N LYS A 13 -4.44 -31.83 -4.75
CA LYS A 13 -3.38 -32.30 -5.62
C LYS A 13 -3.83 -32.57 -7.05
N THR A 14 -5.14 -32.62 -7.29
CA THR A 14 -5.66 -33.16 -8.55
C THR A 14 -5.35 -32.28 -9.75
N LEU A 15 -5.22 -30.97 -9.55
CA LEU A 15 -4.97 -30.09 -10.68
C LEU A 15 -3.54 -30.13 -11.16
N PHE A 16 -2.62 -30.69 -10.36
CA PHE A 16 -1.24 -30.74 -10.76
C PHE A 16 -1.03 -31.80 -11.84
N PRO A 17 -0.07 -31.60 -12.75
CA PRO A 17 0.83 -30.45 -12.79
C PRO A 17 0.18 -29.17 -13.32
N LEU A 18 0.62 -28.03 -12.80
CA LEU A 18 0.15 -26.73 -13.27
C LEU A 18 1.02 -26.36 -14.47
N ARG A 19 0.43 -26.36 -15.65
CA ARG A 19 1.20 -26.15 -16.87
C ARG A 19 0.98 -24.77 -17.46
N SER A 20 0.20 -23.92 -16.80
CA SER A 20 -0.15 -22.65 -17.40
C SER A 20 -0.66 -21.71 -16.31
N ILE A 21 -0.71 -20.44 -16.69
CA ILE A 21 -1.37 -19.42 -15.87
C ILE A 21 -2.75 -19.88 -15.46
N ASP A 22 -3.54 -20.34 -16.43
CA ASP A 22 -4.91 -20.72 -16.12
C ASP A 22 -4.96 -21.91 -15.17
N ASP A 23 -3.96 -22.80 -15.23
CA ASP A 23 -3.90 -23.89 -14.26
C ASP A 23 -3.66 -23.36 -12.85
N VAL A 24 -2.81 -22.34 -12.73
CA VAL A 24 -2.63 -21.72 -11.42
C VAL A 24 -3.93 -21.09 -10.95
N VAL A 25 -4.63 -20.39 -11.85
CA VAL A 25 -5.91 -19.78 -11.48
C VAL A 25 -6.89 -20.84 -11.03
N ARG A 26 -6.95 -21.96 -11.75
CA ARG A 26 -7.83 -23.06 -11.34
C ARG A 26 -7.49 -23.52 -9.92
N LEU A 27 -6.20 -23.60 -9.60
CA LEU A 27 -5.82 -24.01 -8.25
C LEU A 27 -6.30 -23.00 -7.22
N PHE A 28 -6.13 -21.71 -7.51
CA PHE A 28 -6.61 -20.69 -6.58
C PHE A 28 -8.13 -20.74 -6.46
N ALA A 29 -8.82 -20.94 -7.58
CA ALA A 29 -10.27 -21.05 -7.53
C ALA A 29 -10.70 -22.22 -6.67
N ALA A 30 -9.99 -23.34 -6.79
CA ALA A 30 -10.32 -24.51 -5.97
C ALA A 30 -10.06 -24.24 -4.50
N GLU A 31 -8.90 -23.64 -4.19
CA GLU A 31 -8.58 -23.38 -2.79
C GLU A 31 -9.53 -22.34 -2.20
N LEU A 32 -9.90 -21.33 -2.99
CA LEU A 32 -10.84 -20.34 -2.48
C LEU A 32 -12.24 -20.90 -2.29
N GLY A 33 -12.56 -22.02 -2.92
CA GLY A 33 -13.82 -22.69 -2.69
C GLY A 33 -13.84 -23.57 -1.47
N ARG A 34 -12.71 -23.72 -0.80
CA ARG A 34 -12.62 -24.52 0.41
C ARG A 34 -12.84 -23.65 1.64
N GLU A 35 -13.18 -24.31 2.75
CA GLU A 35 -13.42 -23.58 3.99
C GLU A 35 -12.22 -22.73 4.38
N GLU A 36 -11.01 -23.24 4.13
CA GLU A 36 -9.77 -22.52 4.42
C GLU A 36 -8.83 -22.72 3.23
N PRO A 37 -8.70 -21.74 2.35
CA PRO A 37 -7.67 -21.83 1.31
C PRO A 37 -6.31 -22.04 1.94
N ASP A 38 -5.52 -22.90 1.32
CA ASP A 38 -4.22 -23.30 1.87
C ASP A 38 -3.20 -22.24 1.49
N LEU A 39 -2.90 -21.34 2.43
CA LEU A 39 -1.97 -20.25 2.16
C LEU A 39 -0.58 -20.78 1.80
N VAL A 40 -0.15 -21.86 2.44
CA VAL A 40 1.19 -22.38 2.19
C VAL A 40 1.30 -22.93 0.78
N LEU A 41 0.32 -23.74 0.39
CA LEU A 41 0.30 -24.28 -0.96
C LEU A 41 0.30 -23.16 -1.98
N LEU A 42 -0.57 -22.18 -1.78
CA LEU A 42 -0.75 -21.14 -2.79
C LEU A 42 0.48 -20.25 -2.86
N SER A 43 1.07 -19.93 -1.71
CA SER A 43 2.26 -19.09 -1.73
C SER A 43 3.44 -19.82 -2.35
N LEU A 44 3.58 -21.12 -2.08
CA LEU A 44 4.64 -21.90 -2.71
C LEU A 44 4.46 -21.94 -4.22
N VAL A 45 3.23 -22.16 -4.67
CA VAL A 45 2.96 -22.19 -6.10
C VAL A 45 3.28 -20.83 -6.71
N LEU A 46 2.77 -19.76 -6.12
CA LEU A 46 3.07 -18.43 -6.66
C LEU A 46 4.57 -18.16 -6.65
N GLY A 47 5.24 -18.50 -5.55
CA GLY A 47 6.67 -18.25 -5.49
C GLY A 47 7.45 -19.09 -6.49
N PHE A 48 7.00 -20.34 -6.69
CA PHE A 48 7.63 -21.19 -7.69
C PHE A 48 7.51 -20.58 -9.08
N VAL A 49 6.28 -20.22 -9.46
CA VAL A 49 6.09 -19.72 -10.82
C VAL A 49 6.74 -18.36 -10.96
N GLU A 50 6.71 -17.54 -9.92
CA GLU A 50 7.39 -16.25 -9.98
C GLU A 50 8.89 -16.46 -10.10
N HIS A 51 9.43 -17.46 -9.42
CA HIS A 51 10.87 -17.69 -9.53
C HIS A 51 11.25 -17.99 -10.97
N PHE A 52 10.51 -18.87 -11.61
CA PHE A 52 10.90 -19.30 -12.95
C PHE A 52 10.32 -18.41 -14.05
N LEU A 53 9.54 -17.39 -13.68
CA LEU A 53 9.09 -16.39 -14.63
C LEU A 53 9.74 -15.03 -14.43
N ALA A 54 10.28 -14.76 -13.26
CA ALA A 54 10.90 -13.46 -13.06
C ALA A 54 12.34 -13.55 -12.56
N VAL A 55 12.64 -14.51 -11.70
CA VAL A 55 13.98 -14.59 -11.13
C VAL A 55 14.93 -15.27 -12.10
N ASN A 56 14.50 -16.39 -12.68
CA ASN A 56 15.38 -17.17 -13.55
C ASN A 56 14.54 -17.75 -14.69
N ARG A 57 14.59 -17.11 -15.85
CA ARG A 57 13.84 -17.52 -17.02
C ARG A 57 14.66 -18.40 -17.97
N VAL A 58 15.83 -18.88 -17.54
CA VAL A 58 16.64 -19.72 -18.42
C VAL A 58 15.88 -21.01 -18.70
N GLY A 59 15.77 -21.34 -19.98
CA GLY A 59 15.05 -22.53 -20.38
C GLY A 59 13.56 -22.38 -20.44
N LEU A 60 13.02 -21.22 -20.05
CA LEU A 60 11.60 -20.99 -20.15
C LEU A 60 11.15 -21.11 -21.60
N THR A 61 10.13 -21.94 -21.84
CA THR A 61 9.57 -22.04 -23.17
C THR A 61 8.10 -21.65 -23.23
N TYR A 62 7.41 -21.64 -22.09
CA TYR A 62 6.06 -21.11 -22.04
C TYR A 62 5.68 -20.80 -20.61
N PHE A 63 5.64 -21.83 -19.77
CA PHE A 63 5.23 -21.66 -18.41
C PHE A 63 6.02 -22.67 -17.61
N PRO A 64 6.54 -22.29 -16.44
CA PRO A 64 7.25 -23.26 -15.61
C PRO A 64 6.27 -24.26 -15.02
N VAL A 65 6.29 -25.48 -15.55
CA VAL A 65 5.38 -26.51 -15.08
C VAL A 65 5.64 -26.74 -13.60
N ALA A 66 4.59 -26.58 -12.79
CA ALA A 66 4.66 -26.87 -11.37
C ALA A 66 4.22 -28.31 -11.18
N ASP A 67 5.19 -29.22 -11.10
CA ASP A 67 4.89 -30.61 -10.83
C ASP A 67 4.51 -30.77 -9.37
N LEU A 68 3.57 -31.67 -9.11
CA LEU A 68 3.16 -31.92 -7.74
C LEU A 68 4.34 -32.39 -6.89
N SER A 69 5.21 -33.23 -7.46
CA SER A 69 6.36 -33.72 -6.69
C SER A 69 7.21 -32.56 -6.20
N ILE A 70 7.42 -31.55 -7.05
CA ILE A 70 8.17 -30.37 -6.68
C ILE A 70 7.45 -29.58 -5.60
N ILE A 71 6.17 -29.27 -5.82
CA ILE A 71 5.44 -28.41 -4.89
C ILE A 71 5.20 -29.14 -3.57
N ALA A 72 4.83 -30.42 -3.63
CA ALA A 72 4.62 -31.16 -2.39
C ALA A 72 5.91 -31.26 -1.59
N ALA A 73 7.05 -31.39 -2.26
CA ALA A 73 8.32 -31.45 -1.55
C ALA A 73 8.59 -30.13 -0.84
N LEU A 74 8.33 -29.00 -1.52
CA LEU A 74 8.46 -27.69 -0.89
C LEU A 74 7.51 -27.56 0.28
N TYR A 75 6.25 -27.95 0.06
CA TYR A 75 5.24 -27.91 1.11
C TYR A 75 5.68 -28.74 2.30
N ALA A 76 6.22 -29.93 2.05
CA ALA A 76 6.67 -30.80 3.12
C ALA A 76 7.84 -30.17 3.88
N ARG A 77 8.74 -29.49 3.17
CA ARG A 77 9.82 -28.78 3.86
C ARG A 77 9.25 -27.75 4.81
N PHE A 78 8.24 -26.99 4.36
CA PHE A 78 7.69 -25.95 5.23
C PHE A 78 6.98 -26.54 6.43
N THR A 79 6.08 -27.50 6.21
CA THR A 79 5.31 -28.02 7.33
C THR A 79 6.20 -28.79 8.29
N ALA A 80 7.21 -29.49 7.77
CA ALA A 80 8.14 -30.19 8.65
C ALA A 80 8.90 -29.20 9.52
N GLN A 81 9.33 -28.09 8.93
CA GLN A 81 10.06 -27.09 9.70
C GLN A 81 9.17 -26.44 10.75
N ILE A 82 7.94 -26.08 10.39
CA ILE A 82 7.07 -25.42 11.34
C ILE A 82 6.64 -26.38 12.44
N ARG A 83 6.17 -27.56 12.06
CA ARG A 83 5.65 -28.48 13.07
C ARG A 83 6.76 -29.02 13.94
N GLY A 84 7.98 -29.13 13.40
CA GLY A 84 9.11 -29.52 14.23
C GLY A 84 9.54 -28.45 15.21
N ALA A 85 9.42 -27.18 14.83
CA ALA A 85 9.94 -26.10 15.66
C ALA A 85 8.90 -25.50 16.58
N VAL A 86 7.61 -25.66 16.29
CA VAL A 86 6.54 -25.14 17.13
C VAL A 86 5.84 -26.32 17.79
N ASP A 87 6.05 -26.47 19.10
CA ASP A 87 5.38 -27.52 19.87
C ASP A 87 4.10 -26.93 20.44
N LEU A 88 2.97 -27.25 19.80
CA LEU A 88 1.67 -26.71 20.23
C LEU A 88 1.32 -27.12 21.65
N SER A 89 1.88 -28.23 22.15
N SER A 89 1.88 -28.24 22.14
CA SER A 89 1.54 -28.68 23.50
CA SER A 89 1.59 -28.69 23.49
C SER A 89 1.99 -27.67 24.56
C SER A 89 1.99 -27.67 24.53
N LEU A 90 3.01 -26.86 24.24
CA LEU A 90 3.47 -25.85 25.17
C LEU A 90 2.56 -24.63 25.21
N TYR A 91 1.58 -24.55 24.30
CA TYR A 91 0.71 -23.40 24.16
C TYR A 91 -0.73 -23.87 24.05
N PRO A 92 -1.31 -24.35 25.15
CA PRO A 92 -2.70 -24.82 25.09
C PRO A 92 -3.63 -23.70 24.66
N ARG A 93 -4.50 -24.01 23.71
CA ARG A 93 -5.42 -23.01 23.18
C ARG A 93 -6.74 -23.07 23.96
N GLU A 94 -7.05 -21.96 24.63
CA GLU A 94 -8.22 -21.85 25.50
C GLU A 94 -9.49 -22.39 24.85
N GLY A 95 -9.94 -21.75 23.78
CA GLY A 95 -11.13 -22.21 23.09
C GLY A 95 -11.15 -21.79 21.63
N GLY A 96 -10.48 -22.55 20.78
CA GLY A 96 -10.24 -22.12 19.42
C GLY A 96 -9.48 -20.84 19.28
N VAL A 97 -8.85 -20.35 20.35
CA VAL A 97 -8.17 -19.06 20.35
C VAL A 97 -6.69 -19.29 20.67
N SER A 98 -5.82 -18.64 19.89
CA SER A 98 -4.39 -18.76 20.12
C SER A 98 -3.94 -17.75 21.16
N SER A 99 -2.79 -18.03 21.74
CA SER A 99 -2.21 -17.19 22.77
C SER A 99 -1.12 -16.31 22.17
N ARG A 100 -0.86 -15.20 22.85
CA ARG A 100 0.21 -14.34 22.40
C ARG A 100 1.54 -15.09 22.36
N GLU A 101 1.77 -15.99 23.33
CA GLU A 101 3.02 -16.73 23.37
C GLU A 101 3.16 -17.63 22.14
N LEU A 102 2.06 -18.25 21.73
CA LEU A 102 2.11 -19.13 20.57
C LEU A 102 2.38 -18.32 19.31
N VAL A 103 1.71 -17.17 19.16
CA VAL A 103 1.98 -16.31 18.02
C VAL A 103 3.43 -15.87 18.00
N LYS A 104 3.95 -15.49 19.17
CA LYS A 104 5.35 -15.08 19.24
C LYS A 104 6.27 -16.23 18.86
N LYS A 105 5.92 -17.46 19.28
CA LYS A 105 6.75 -18.61 18.95
C LYS A 105 6.81 -18.83 17.45
N VAL A 106 5.65 -18.81 16.79
CA VAL A 106 5.64 -19.00 15.34
C VAL A 106 6.44 -17.89 14.68
N SER A 107 6.27 -16.65 15.15
N SER A 107 6.29 -16.65 15.16
CA SER A 107 7.05 -15.55 14.60
CA SER A 107 7.05 -15.55 14.61
C SER A 107 8.54 -15.80 14.78
C SER A 107 8.55 -15.77 14.79
N ASP A 108 8.94 -16.25 15.97
CA ASP A 108 10.36 -16.55 16.21
C ASP A 108 10.86 -17.64 15.28
N VAL A 109 10.05 -18.66 15.03
CA VAL A 109 10.47 -19.78 14.19
C VAL A 109 10.73 -19.30 12.77
N ILE A 110 9.81 -18.49 12.23
CA ILE A 110 10.03 -17.92 10.90
C ILE A 110 11.27 -17.03 10.92
N TRP A 111 11.32 -16.12 11.89
CA TRP A 111 12.44 -15.19 12.01
C TRP A 111 13.77 -15.93 12.06
N ASN A 112 13.90 -16.89 12.97
CA ASN A 112 15.16 -17.60 13.17
C ASN A 112 15.53 -18.48 11.99
N SER A 113 14.61 -18.75 11.08
CA SER A 113 14.90 -19.54 9.90
C SER A 113 15.57 -18.73 8.79
N LEU A 114 15.48 -17.42 8.87
CA LEU A 114 15.96 -16.58 7.79
C LEU A 114 17.48 -16.51 7.79
N SER A 115 18.04 -16.36 6.58
CA SER A 115 19.47 -16.10 6.44
C SER A 115 19.87 -14.95 7.35
N ARG A 116 21.06 -15.08 7.95
CA ARG A 116 21.50 -14.11 8.94
C ARG A 116 21.67 -12.72 8.34
N SER A 117 22.07 -12.65 7.07
CA SER A 117 22.34 -11.38 6.41
C SER A 117 21.89 -11.47 4.96
N TYR A 118 20.99 -10.58 4.57
CA TYR A 118 20.60 -10.45 3.17
C TYR A 118 19.88 -9.13 2.99
N PHE A 119 19.76 -8.71 1.72
CA PHE A 119 19.04 -7.49 1.39
C PHE A 119 17.55 -7.73 1.59
N LYS A 120 16.98 -7.08 2.61
CA LYS A 120 15.60 -7.32 2.98
C LYS A 120 14.61 -6.73 1.99
N ASP A 121 15.04 -5.80 1.15
CA ASP A 121 14.17 -5.14 0.19
C ASP A 121 14.30 -5.70 -1.21
N ARG A 122 14.95 -6.86 -1.35
CA ARG A 122 15.04 -7.52 -2.64
C ARG A 122 13.65 -7.88 -3.16
N ALA A 123 13.54 -7.96 -4.48
CA ALA A 123 12.31 -8.45 -5.09
C ALA A 123 12.26 -9.97 -4.98
N HIS A 124 11.04 -10.50 -5.00
CA HIS A 124 10.80 -11.94 -5.08
C HIS A 124 11.24 -12.68 -3.83
N ILE A 125 11.25 -12.01 -2.69
CA ILE A 125 11.50 -12.73 -1.45
C ILE A 125 10.28 -12.57 -0.56
N GLN A 126 9.11 -12.59 -1.18
CA GLN A 126 7.88 -12.38 -0.43
C GLN A 126 7.13 -13.66 -0.11
N SER A 127 7.43 -14.74 -0.81
CA SER A 127 6.61 -15.95 -0.80
C SER A 127 7.26 -17.04 0.03
N LEU A 128 6.46 -18.05 0.35
CA LEU A 128 7.04 -19.20 1.03
C LEU A 128 8.05 -19.93 0.16
N PHE A 129 7.97 -19.80 -1.17
CA PHE A 129 9.03 -20.37 -2.01
C PHE A 129 10.38 -19.74 -1.70
N SER A 130 10.41 -18.42 -1.54
CA SER A 130 11.65 -17.77 -1.14
C SER A 130 12.08 -18.21 0.25
N PHE A 131 11.12 -18.32 1.17
CA PHE A 131 11.42 -18.77 2.52
C PHE A 131 12.09 -20.13 2.50
N ILE A 132 11.57 -21.06 1.71
CA ILE A 132 12.08 -22.43 1.72
C ILE A 132 13.38 -22.53 0.93
N THR A 133 13.40 -22.00 -0.29
CA THR A 133 14.56 -22.23 -1.16
C THR A 133 15.69 -21.26 -0.90
N GLY A 134 15.40 -20.09 -0.34
CA GLY A 134 16.44 -19.10 -0.16
C GLY A 134 16.58 -18.62 1.27
N THR A 135 15.76 -19.16 2.18
CA THR A 135 15.65 -18.70 3.56
C THR A 135 15.65 -17.18 3.64
N LYS A 136 14.91 -16.55 2.75
CA LYS A 136 14.81 -15.10 2.72
C LYS A 136 13.36 -14.68 2.61
N LEU A 137 12.99 -13.67 3.40
CA LEU A 137 11.68 -13.07 3.36
C LEU A 137 11.81 -11.57 3.57
N ASP A 138 10.97 -10.80 2.88
CA ASP A 138 10.87 -9.38 3.20
C ASP A 138 9.96 -9.19 4.40
N SER A 139 9.83 -7.93 4.84
N SER A 139 9.84 -7.93 4.84
CA SER A 139 9.17 -7.65 6.12
CA SER A 139 9.16 -7.62 6.10
C SER A 139 7.76 -8.21 6.16
C SER A 139 7.77 -8.20 6.15
N SER A 140 6.93 -7.85 5.17
CA SER A 140 5.56 -8.33 5.18
C SER A 140 5.51 -9.82 4.86
N GLY A 141 6.50 -10.33 4.13
CA GLY A 141 6.55 -11.75 3.86
C GLY A 141 6.70 -12.56 5.13
N VAL A 142 7.43 -12.04 6.11
CA VAL A 142 7.52 -12.71 7.41
C VAL A 142 6.14 -12.78 8.06
N ALA A 143 5.41 -11.66 8.04
CA ALA A 143 4.07 -11.66 8.61
C ALA A 143 3.17 -12.66 7.91
N PHE A 144 3.22 -12.68 6.58
CA PHE A 144 2.44 -13.67 5.85
C PHE A 144 2.86 -15.07 6.22
N ALA A 145 4.17 -15.32 6.31
CA ALA A 145 4.66 -16.66 6.61
C ALA A 145 4.23 -17.09 8.00
N VAL A 146 4.19 -16.15 8.94
CA VAL A 146 3.67 -16.46 10.27
C VAL A 146 2.22 -16.90 10.18
N VAL A 147 1.41 -16.17 9.42
CA VAL A 147 0.01 -16.54 9.27
C VAL A 147 -0.12 -17.88 8.56
N GLY A 148 0.69 -18.10 7.51
CA GLY A 148 0.67 -19.39 6.83
C GLY A 148 1.08 -20.52 7.75
N ALA A 149 2.13 -20.30 8.53
CA ALA A 149 2.55 -21.31 9.51
C ALA A 149 1.46 -21.56 10.53
N CYS A 150 0.83 -20.50 11.01
CA CYS A 150 -0.25 -20.67 11.99
C CYS A 150 -1.39 -21.47 11.38
N GLN A 151 -1.76 -21.17 10.14
CA GLN A 151 -2.81 -21.97 9.50
C GLN A 151 -2.38 -23.43 9.39
N ALA A 152 -1.13 -23.65 8.97
CA ALA A 152 -0.62 -25.02 8.88
C ALA A 152 -0.72 -25.73 10.22
N LEU A 153 -0.55 -25.01 11.31
CA LEU A 153 -0.66 -25.54 12.65
C LEU A 153 -2.10 -25.68 13.13
N GLY A 154 -3.07 -25.24 12.34
CA GLY A 154 -4.46 -25.30 12.74
C GLY A 154 -4.94 -24.13 13.57
N LEU A 155 -4.22 -23.02 13.58
CA LEU A 155 -4.58 -21.85 14.39
C LEU A 155 -5.47 -20.95 13.55
N ARG A 156 -6.75 -21.32 13.49
CA ARG A 156 -7.69 -20.65 12.60
C ARG A 156 -7.91 -19.19 12.99
N ASP A 157 -7.60 -18.81 14.22
CA ASP A 157 -7.88 -17.45 14.67
C ASP A 157 -6.78 -16.46 14.32
N VAL A 158 -5.61 -16.94 13.91
CA VAL A 158 -4.49 -16.06 13.61
C VAL A 158 -4.63 -15.55 12.19
N HIS A 159 -4.73 -14.24 12.06
CA HIS A 159 -4.96 -13.64 10.75
C HIS A 159 -4.01 -12.50 10.52
N LEU A 160 -3.80 -12.25 9.25
CA LEU A 160 -2.96 -11.14 8.82
C LEU A 160 -3.71 -9.83 9.03
N ALA A 161 -3.05 -8.89 9.69
CA ALA A 161 -3.52 -7.52 9.78
C ALA A 161 -2.64 -6.68 8.88
N LEU A 162 -3.25 -5.78 8.13
CA LEU A 162 -2.52 -5.00 7.14
C LEU A 162 -2.89 -3.55 7.30
N SER A 163 -1.90 -2.71 7.46
CA SER A 163 -2.14 -1.30 7.22
C SER A 163 -1.73 -1.01 5.78
N GLU A 164 -1.42 0.23 5.48
CA GLU A 164 -0.94 0.52 4.15
C GLU A 164 0.56 0.38 4.03
N ASP A 165 1.27 0.16 5.14
CA ASP A 165 2.72 0.05 5.08
C ASP A 165 3.26 -0.99 6.05
N HIS A 166 2.39 -1.79 6.66
CA HIS A 166 2.89 -2.69 7.68
C HIS A 166 1.92 -3.85 7.82
N ALA A 167 2.42 -4.95 8.36
CA ALA A 167 1.64 -6.15 8.54
C ALA A 167 1.92 -6.69 9.92
N TRP A 168 0.89 -7.19 10.57
CA TRP A 168 1.06 -7.88 11.83
C TRP A 168 -0.01 -8.95 11.85
N VAL A 169 -0.33 -9.45 13.02
CA VAL A 169 -1.37 -10.47 13.08
C VAL A 169 -2.40 -10.06 14.11
N VAL A 170 -3.64 -10.50 13.87
CA VAL A 170 -4.67 -10.47 14.88
C VAL A 170 -4.97 -11.91 15.26
N PHE A 171 -5.48 -12.09 16.46
CA PHE A 171 -5.64 -13.45 17.00
C PHE A 171 -6.44 -13.33 18.28
N GLY A 172 -6.71 -14.49 18.89
CA GLY A 172 -7.22 -14.52 20.23
C GLY A 172 -8.73 -14.38 20.28
N PRO A 173 -9.25 -14.15 21.48
CA PRO A 173 -10.70 -14.06 21.65
C PRO A 173 -11.29 -12.98 20.75
N ASN A 174 -12.31 -13.34 19.97
CA ASN A 174 -12.95 -12.46 19.00
C ASN A 174 -11.96 -11.92 17.97
N GLY A 175 -10.78 -12.54 17.86
CA GLY A 175 -9.73 -11.98 17.02
C GLY A 175 -9.35 -10.58 17.42
N GLU A 176 -9.52 -10.22 18.69
CA GLU A 176 -9.36 -8.85 19.13
C GLU A 176 -7.93 -8.51 19.53
N GLN A 177 -7.06 -9.50 19.67
CA GLN A 177 -5.68 -9.24 20.01
C GLN A 177 -4.88 -8.91 18.77
N THR A 178 -3.87 -8.06 18.96
CA THR A 178 -2.92 -7.76 17.90
C THR A 178 -1.52 -8.14 18.38
N ALA A 179 -0.70 -8.60 17.45
CA ALA A 179 0.69 -8.90 17.76
C ALA A 179 1.58 -8.56 16.59
N GLU A 180 2.61 -7.77 16.86
CA GLU A 180 3.69 -7.58 15.90
C GLU A 180 4.43 -8.91 15.69
N VAL A 181 4.73 -9.23 14.43
CA VAL A 181 5.39 -10.50 14.14
C VAL A 181 6.57 -10.30 13.19
N THR A 182 6.74 -9.07 12.70
CA THR A 182 7.82 -8.80 11.76
C THR A 182 8.39 -7.42 12.06
N TRP A 183 9.40 -7.03 11.30
CA TRP A 183 9.98 -5.71 11.41
C TRP A 183 9.25 -4.75 10.48
N HIS A 184 9.49 -3.48 10.69
CA HIS A 184 8.95 -2.46 9.81
C HIS A 184 10.04 -1.48 9.45
N GLY A 185 10.16 -1.18 8.16
CA GLY A 185 11.11 -0.18 7.75
C GLY A 185 12.54 -0.66 7.96
N LYS A 186 13.43 0.31 8.10
CA LYS A 186 14.85 0.06 8.26
C LYS A 186 15.35 0.85 9.46
N GLY A 187 16.09 0.19 10.34
CA GLY A 187 16.60 0.86 11.52
C GLY A 187 15.57 1.13 12.59
N ASN A 188 14.35 0.64 12.43
CA ASN A 188 13.33 0.83 13.45
C ASN A 188 13.47 -0.23 14.55
N GLU A 189 13.08 0.16 15.75
CA GLU A 189 13.14 -0.75 16.88
C GLU A 189 12.09 -1.84 16.71
N ASP A 190 12.55 -3.09 16.82
CA ASP A 190 11.65 -4.23 16.74
C ASP A 190 10.62 -4.17 17.87
N ARG A 191 9.37 -4.49 17.54
CA ARG A 191 8.32 -4.55 18.56
C ARG A 191 7.56 -5.87 18.49
N ARG A 192 8.19 -6.93 17.97
CA ARG A 192 7.52 -8.20 17.80
C ARG A 192 6.97 -8.69 19.13
N GLY A 193 5.77 -9.25 19.09
CA GLY A 193 5.09 -9.69 20.27
C GLY A 193 4.20 -8.65 20.92
N GLN A 194 4.44 -7.37 20.65
CA GLN A 194 3.64 -6.32 21.26
C GLN A 194 2.34 -6.11 20.49
N THR A 195 1.39 -5.46 21.14
CA THR A 195 0.20 -5.02 20.44
C THR A 195 0.55 -3.83 19.55
N VAL A 196 -0.44 -3.44 18.74
CA VAL A 196 -0.34 -2.22 17.96
C VAL A 196 -1.06 -1.05 18.64
N ASN A 197 -1.42 -1.19 19.91
CA ASN A 197 -2.30 -0.21 20.54
C ASN A 197 -1.64 1.15 20.66
N ALA A 198 -0.35 1.20 21.00
CA ALA A 198 0.32 2.49 21.08
C ALA A 198 0.30 3.20 19.75
N GLY A 199 0.52 2.45 18.66
CA GLY A 199 0.50 3.07 17.33
C GLY A 199 -0.89 3.54 16.95
N VAL A 200 -1.91 2.76 17.30
CA VAL A 200 -3.28 3.21 17.06
C VAL A 200 -3.55 4.47 17.88
N ALA A 201 -3.19 4.44 19.17
CA ALA A 201 -3.49 5.55 20.05
C ALA A 201 -2.79 6.82 19.62
N GLU A 202 -1.61 6.71 19.01
CA GLU A 202 -0.89 7.90 18.63
C GLU A 202 -1.33 8.44 17.29
N ARG A 203 -2.30 7.78 16.65
CA ARG A 203 -2.92 8.25 15.41
C ARG A 203 -1.91 8.35 14.28
N SER A 204 -0.94 7.44 14.26
CA SER A 204 -0.01 7.38 13.14
C SER A 204 -0.69 6.78 11.92
N TRP A 205 -0.18 7.15 10.75
CA TRP A 205 -0.66 6.51 9.54
C TRP A 205 -0.34 5.02 9.55
N LEU A 206 0.79 4.64 10.15
CA LEU A 206 1.22 3.25 10.10
C LEU A 206 0.16 2.31 10.62
N TYR A 207 -0.63 2.74 11.60
CA TYR A 207 -1.65 1.87 12.17
C TYR A 207 -3.05 2.36 11.89
N LEU A 208 -3.17 3.41 11.07
CA LEU A 208 -4.45 3.81 10.46
C LEU A 208 -5.51 4.13 11.51
N LYS A 209 -5.09 4.57 12.69
CA LYS A 209 -6.02 4.90 13.77
C LYS A 209 -6.92 3.72 14.10
N GLY A 210 -6.42 2.52 13.83
CA GLY A 210 -7.17 1.31 14.06
C GLY A 210 -7.97 0.83 12.88
N SER A 211 -8.06 1.63 11.82
CA SER A 211 -8.85 1.25 10.64
C SER A 211 -8.00 0.50 9.64
N TYR A 212 -7.25 -0.47 10.14
CA TYR A 212 -6.45 -1.34 9.31
C TYR A 212 -7.24 -2.57 8.92
N MET A 213 -6.72 -3.31 7.95
CA MET A 213 -7.38 -4.51 7.46
C MET A 213 -7.17 -5.66 8.43
N ARG A 214 -8.25 -6.32 8.79
CA ARG A 214 -8.21 -7.56 9.53
C ARG A 214 -8.62 -8.63 8.53
N CYS A 215 -7.63 -9.36 8.02
CA CYS A 215 -7.89 -10.31 6.95
C CYS A 215 -8.62 -11.53 7.47
N ASP A 216 -9.52 -12.05 6.66
CA ASP A 216 -9.86 -13.46 6.76
C ASP A 216 -8.92 -14.22 5.82
N ARG A 217 -9.08 -15.54 5.76
CA ARG A 217 -8.18 -16.33 4.94
C ARG A 217 -8.25 -15.95 3.47
N LYS A 218 -9.43 -15.56 2.99
CA LYS A 218 -9.55 -15.18 1.59
C LYS A 218 -8.78 -13.91 1.32
N MET A 219 -8.85 -12.95 2.24
CA MET A 219 -8.08 -11.72 2.09
C MET A 219 -6.58 -11.99 2.18
N GLU A 220 -6.20 -13.02 2.93
CA GLU A 220 -4.80 -13.40 2.96
C GLU A 220 -4.36 -13.97 1.62
N VAL A 221 -5.26 -14.69 0.93
CA VAL A 221 -4.95 -15.08 -0.44
C VAL A 221 -4.83 -13.85 -1.31
N ALA A 222 -5.74 -12.89 -1.13
CA ALA A 222 -5.65 -11.65 -1.89
C ALA A 222 -4.31 -10.97 -1.64
N PHE A 223 -3.86 -10.99 -0.39
CA PHE A 223 -2.58 -10.35 -0.09
C PHE A 223 -1.44 -11.01 -0.86
N MET A 224 -1.36 -12.34 -0.84
CA MET A 224 -0.26 -12.98 -1.55
C MET A 224 -0.36 -12.74 -3.05
N VAL A 225 -1.57 -12.59 -3.57
CA VAL A 225 -1.73 -12.24 -4.98
C VAL A 225 -1.24 -10.83 -5.24
N CYS A 226 -1.62 -9.89 -4.36
CA CYS A 226 -1.09 -8.53 -4.49
C CYS A 226 0.42 -8.50 -4.34
N ALA A 227 0.97 -9.47 -3.59
CA ALA A 227 2.40 -9.52 -3.38
C ALA A 227 3.16 -10.16 -4.54
N ILE A 228 2.46 -10.76 -5.53
CA ILE A 228 3.17 -11.19 -6.72
C ILE A 228 3.96 -10.02 -7.26
N ASN A 229 5.21 -10.28 -7.61
CA ASN A 229 6.08 -9.25 -8.16
C ASN A 229 6.47 -9.66 -9.57
N PRO A 230 5.84 -9.07 -10.59
CA PRO A 230 6.16 -9.45 -11.98
C PRO A 230 7.49 -8.91 -12.47
N SER A 231 8.21 -8.11 -11.70
CA SER A 231 9.39 -7.42 -12.21
C SER A 231 10.50 -8.42 -12.50
N ILE A 232 10.98 -8.43 -13.74
CA ILE A 232 12.20 -9.16 -14.07
C ILE A 232 13.43 -8.30 -13.82
N ASP A 233 13.37 -7.03 -14.21
CA ASP A 233 14.38 -6.05 -13.87
C ASP A 233 13.70 -4.69 -13.86
N LEU A 234 14.52 -3.63 -13.78
CA LEU A 234 13.97 -2.28 -13.72
C LEU A 234 13.15 -1.94 -14.95
N HIS A 235 13.47 -2.53 -16.10
CA HIS A 235 12.82 -2.18 -17.35
C HIS A 235 11.85 -3.24 -17.86
N THR A 236 11.78 -4.41 -17.22
CA THR A 236 11.02 -5.51 -17.80
C THR A 236 10.17 -6.19 -16.74
N ASP A 237 8.89 -6.33 -17.02
CA ASP A 237 7.99 -7.12 -16.20
C ASP A 237 7.67 -8.42 -16.94
N SER A 238 7.44 -9.47 -16.17
CA SER A 238 6.94 -10.72 -16.74
C SER A 238 5.49 -10.53 -17.13
N LEU A 239 5.22 -10.57 -18.44
CA LEU A 239 3.83 -10.54 -18.89
C LEU A 239 3.05 -11.69 -18.29
N GLU A 240 3.71 -12.84 -18.14
CA GLU A 240 3.05 -14.02 -17.56
C GLU A 240 2.58 -13.73 -16.14
N LEU A 241 3.44 -13.12 -15.33
CA LEU A 241 3.07 -12.85 -13.95
C LEU A 241 2.03 -11.74 -13.85
N LEU A 242 2.12 -10.73 -14.73
CA LEU A 242 1.08 -9.71 -14.75
C LEU A 242 -0.28 -10.33 -15.05
N GLN A 243 -0.33 -11.18 -16.09
CA GLN A 243 -1.58 -11.85 -16.43
C GLN A 243 -2.05 -12.74 -15.29
N LEU A 244 -1.12 -13.47 -14.67
CA LEU A 244 -1.49 -14.32 -13.54
C LEU A 244 -2.08 -13.49 -12.40
N GLN A 245 -1.38 -12.43 -12.01
CA GLN A 245 -1.86 -11.60 -10.91
C GLN A 245 -3.20 -10.98 -11.25
N GLN A 246 -3.34 -10.49 -12.48
CA GLN A 246 -4.58 -9.89 -12.93
C GLN A 246 -5.73 -10.90 -12.86
N LYS A 247 -5.50 -12.10 -13.40
CA LYS A 247 -6.55 -13.12 -13.39
C LYS A 247 -6.89 -13.53 -11.97
N LEU A 248 -5.89 -13.63 -11.10
CA LEU A 248 -6.18 -14.00 -9.71
C LEU A 248 -6.92 -12.89 -8.99
N LEU A 249 -6.57 -11.64 -9.26
CA LEU A 249 -7.30 -10.54 -8.64
C LEU A 249 -8.76 -10.53 -9.10
N TRP A 250 -9.01 -10.84 -10.37
CA TRP A 250 -10.40 -10.90 -10.82
C TRP A 250 -11.14 -12.05 -10.18
N LEU A 251 -10.47 -13.20 -10.03
CA LEU A 251 -11.06 -14.31 -9.30
C LEU A 251 -11.46 -13.86 -7.90
N LEU A 252 -10.53 -13.22 -7.19
CA LEU A 252 -10.82 -12.73 -5.85
C LEU A 252 -11.92 -11.68 -5.86
N TYR A 253 -11.88 -10.77 -6.84
CA TYR A 253 -12.90 -9.75 -6.95
C TYR A 253 -14.27 -10.38 -7.08
N ASP A 254 -14.39 -11.37 -7.99
CA ASP A 254 -15.68 -11.98 -8.27
C ASP A 254 -16.24 -12.70 -7.05
N LEU A 255 -15.36 -13.22 -6.21
CA LEU A 255 -15.76 -13.93 -5.00
C LEU A 255 -16.05 -12.98 -3.86
N GLY A 256 -15.84 -11.68 -4.04
CA GLY A 256 -16.08 -10.71 -2.99
C GLY A 256 -14.91 -10.45 -2.09
N HIS A 257 -13.74 -11.01 -2.38
CA HIS A 257 -12.64 -10.97 -1.43
C HIS A 257 -11.76 -9.74 -1.57
N LEU A 258 -12.06 -8.86 -2.52
CA LEU A 258 -11.42 -7.56 -2.57
C LEU A 258 -12.30 -6.47 -1.98
N GLU A 259 -13.50 -6.83 -1.53
CA GLU A 259 -14.48 -5.85 -1.07
C GLU A 259 -13.90 -4.96 0.03
N ARG A 260 -13.08 -5.54 0.90
CA ARG A 260 -12.52 -4.83 2.03
C ARG A 260 -11.01 -4.63 1.85
N TYR A 261 -10.55 -4.58 0.61
CA TYR A 261 -9.14 -4.51 0.29
C TYR A 261 -8.92 -3.36 -0.67
N PRO A 262 -8.96 -2.12 -0.19
CA PRO A 262 -8.85 -0.97 -1.09
C PRO A 262 -7.65 -1.02 -2.03
N MET A 263 -6.47 -1.34 -1.49
CA MET A 263 -5.28 -1.29 -2.34
C MET A 263 -5.31 -2.36 -3.41
N ALA A 264 -5.86 -3.53 -3.12
CA ALA A 264 -5.99 -4.55 -4.16
C ALA A 264 -6.82 -4.05 -5.33
N LEU A 265 -7.88 -3.29 -5.04
CA LEU A 265 -8.70 -2.75 -6.11
C LEU A 265 -7.92 -1.73 -6.93
N GLY A 266 -7.07 -0.94 -6.27
CA GLY A 266 -6.19 -0.04 -7.00
C GLY A 266 -5.19 -0.79 -7.87
N ASN A 267 -4.58 -1.84 -7.32
CA ASN A 267 -3.67 -2.68 -8.08
C ASN A 267 -4.38 -3.27 -9.30
N LEU A 268 -5.57 -3.81 -9.09
CA LEU A 268 -6.34 -4.37 -10.18
C LEU A 268 -6.65 -3.30 -11.22
N ALA A 269 -7.01 -2.11 -10.78
CA ALA A 269 -7.24 -1.01 -11.71
C ALA A 269 -5.97 -0.70 -12.50
N ASP A 270 -4.82 -0.69 -11.84
CA ASP A 270 -3.55 -0.46 -12.54
C ASP A 270 -3.33 -1.55 -13.59
N LEU A 271 -3.58 -2.80 -13.22
CA LEU A 271 -3.38 -3.90 -14.17
C LEU A 271 -4.31 -3.76 -15.35
N GLU A 272 -5.55 -3.35 -15.09
CA GLU A 272 -6.52 -3.17 -16.16
C GLU A 272 -6.12 -2.04 -17.09
N GLU A 273 -5.52 -0.99 -16.54
CA GLU A 273 -5.04 0.08 -17.40
C GLU A 273 -3.94 -0.41 -18.32
N LEU A 274 -3.04 -1.24 -17.79
CA LEU A 274 -1.93 -1.76 -18.59
C LEU A 274 -2.43 -2.70 -19.67
N GLU A 275 -3.41 -3.56 -19.34
CA GLU A 275 -3.90 -4.57 -20.26
C GLU A 275 -5.33 -4.85 -19.91
N PRO A 276 -6.27 -4.11 -20.50
CA PRO A 276 -7.68 -4.25 -20.10
C PRO A 276 -8.20 -5.64 -20.39
N THR A 277 -8.96 -6.18 -19.44
CA THR A 277 -9.66 -7.43 -19.63
C THR A 277 -11.03 -7.13 -20.24
N PRO A 278 -11.36 -7.68 -21.39
CA PRO A 278 -12.66 -7.38 -22.01
C PRO A 278 -13.81 -7.73 -21.07
N GLY A 279 -14.76 -6.81 -20.96
CA GLY A 279 -15.95 -7.01 -20.14
C GLY A 279 -15.77 -6.66 -18.69
N ARG A 280 -14.63 -6.15 -18.29
CA ARG A 280 -14.38 -5.80 -16.92
C ARG A 280 -14.54 -4.30 -16.69
N PRO A 281 -14.80 -3.89 -15.45
CA PRO A 281 -14.90 -2.46 -15.15
C PRO A 281 -13.65 -1.71 -15.54
N ASP A 282 -13.85 -0.44 -15.90
CA ASP A 282 -12.73 0.43 -16.25
C ASP A 282 -11.84 0.65 -15.03
N PRO A 283 -10.56 0.96 -15.25
CA PRO A 283 -9.71 1.33 -14.12
C PRO A 283 -10.34 2.37 -13.21
N LEU A 284 -10.91 3.44 -13.77
CA LEU A 284 -11.52 4.48 -12.96
C LEU A 284 -12.58 3.90 -12.02
N THR A 285 -13.45 3.04 -12.56
CA THR A 285 -14.46 2.41 -11.71
C THR A 285 -13.80 1.65 -10.58
N LEU A 286 -12.72 0.95 -10.88
CA LEU A 286 -12.03 0.17 -9.86
C LEU A 286 -11.35 1.09 -8.85
N TYR A 287 -10.73 2.19 -9.29
CA TYR A 287 -10.13 3.11 -8.33
C TYR A 287 -11.19 3.65 -7.38
N HIS A 288 -12.37 3.98 -7.92
CA HIS A 288 -13.41 4.51 -7.06
C HIS A 288 -14.01 3.42 -6.18
N LYS A 289 -14.02 2.17 -6.64
CA LYS A 289 -14.39 1.07 -5.75
C LYS A 289 -13.39 0.94 -4.60
N GLY A 290 -12.10 1.13 -4.89
CA GLY A 290 -11.12 1.11 -3.81
C GLY A 290 -11.36 2.20 -2.80
N ILE A 291 -11.65 3.41 -3.28
CA ILE A 291 -12.00 4.51 -2.38
C ILE A 291 -13.29 4.20 -1.63
N ALA A 292 -14.30 3.68 -2.33
CA ALA A 292 -15.54 3.31 -1.66
C ALA A 292 -15.28 2.27 -0.59
N SER A 293 -14.42 1.30 -0.88
CA SER A 293 -14.06 0.29 0.12
C SER A 293 -13.47 0.95 1.36
N ALA A 294 -12.56 1.91 1.15
CA ALA A 294 -11.95 2.57 2.29
C ALA A 294 -12.98 3.37 3.08
N LYS A 295 -13.89 4.05 2.38
CA LYS A 295 -14.93 4.82 3.06
C LYS A 295 -15.89 3.91 3.82
N THR A 296 -16.19 2.75 3.24
CA THR A 296 -17.19 1.86 3.80
C THR A 296 -16.66 1.10 4.99
N TYR A 297 -15.44 0.55 4.87
CA TYR A 297 -14.94 -0.35 5.89
C TYR A 297 -13.88 0.27 6.79
N TYR A 298 -13.25 1.35 6.37
CA TYR A 298 -12.10 1.85 7.09
C TYR A 298 -12.23 3.32 7.41
N ARG A 299 -13.46 3.80 7.54
CA ARG A 299 -13.75 5.16 7.98
C ARG A 299 -13.10 6.20 7.09
N ASP A 300 -12.80 5.85 5.85
CA ASP A 300 -12.16 6.78 4.92
C ASP A 300 -10.84 7.25 5.49
N GLU A 301 -10.10 6.34 6.13
CA GLU A 301 -8.84 6.69 6.76
C GLU A 301 -7.64 6.13 6.02
N HIS A 302 -7.83 5.68 4.79
CA HIS A 302 -6.74 5.15 3.98
C HIS A 302 -6.29 6.20 2.98
N ILE A 303 -4.98 6.21 2.74
CA ILE A 303 -4.35 7.18 1.85
C ILE A 303 -4.25 6.63 0.44
N TYR A 304 -3.81 5.39 0.30
CA TYR A 304 -3.48 4.88 -1.02
C TYR A 304 -4.65 4.80 -1.99
N PRO A 305 -5.90 4.57 -1.57
CA PRO A 305 -6.97 4.56 -2.57
C PRO A 305 -7.01 5.84 -3.37
N TYR A 306 -6.78 6.98 -2.72
CA TYR A 306 -6.74 8.24 -3.43
C TYR A 306 -5.43 8.41 -4.19
N MET A 307 -4.33 7.90 -3.65
CA MET A 307 -3.05 7.96 -4.37
CA MET A 307 -3.07 8.00 -4.40
C MET A 307 -3.12 7.15 -5.65
N TYR A 308 -3.74 5.97 -5.58
CA TYR A 308 -3.94 5.16 -6.76
C TYR A 308 -4.71 5.93 -7.82
N LEU A 309 -5.82 6.53 -7.40
CA LEU A 309 -6.63 7.32 -8.32
C LEU A 309 -5.84 8.48 -8.87
N ALA A 310 -5.14 9.20 -7.99
CA ALA A 310 -4.35 10.34 -8.43
C ALA A 310 -3.30 9.91 -9.44
N GLY A 311 -2.63 8.78 -9.19
CA GLY A 311 -1.60 8.32 -10.10
C GLY A 311 -2.16 8.01 -11.48
N TYR A 312 -3.33 7.40 -11.52
CA TYR A 312 -3.99 7.15 -12.81
C TYR A 312 -4.22 8.47 -13.54
N HIS A 313 -4.82 9.44 -12.85
CA HIS A 313 -5.08 10.73 -13.48
C HIS A 313 -3.78 11.42 -13.87
N CYS A 314 -2.76 11.27 -13.04
CA CYS A 314 -1.46 11.85 -13.37
C CYS A 314 -0.87 11.21 -14.62
N ARG A 315 -0.90 9.88 -14.71
CA ARG A 315 -0.35 9.22 -15.88
C ARG A 315 -1.10 9.61 -17.14
N ASN A 316 -2.41 9.83 -17.02
CA ASN A 316 -3.19 10.31 -18.15
C ASN A 316 -3.13 11.83 -18.28
N ARG A 317 -2.25 12.46 -17.50
CA ARG A 317 -2.03 13.90 -17.54
C ARG A 317 -3.33 14.66 -17.32
N ASN A 318 -4.21 14.11 -16.49
CA ASN A 318 -5.47 14.74 -16.13
C ASN A 318 -5.25 15.53 -14.85
N VAL A 319 -4.77 16.77 -15.00
CA VAL A 319 -4.32 17.55 -13.86
C VAL A 319 -5.45 17.81 -12.88
N ARG A 320 -6.62 18.18 -13.39
CA ARG A 320 -7.75 18.52 -12.51
C ARG A 320 -8.09 17.36 -11.61
N GLU A 321 -8.30 16.18 -12.20
CA GLU A 321 -8.70 15.03 -11.40
C GLU A 321 -7.54 14.52 -10.55
N ALA A 322 -6.31 14.64 -11.04
CA ALA A 322 -5.14 14.29 -10.23
C ALA A 322 -5.07 15.19 -9.01
N LEU A 323 -5.22 16.50 -9.22
CA LEU A 323 -5.20 17.42 -8.11
C LEU A 323 -6.33 17.15 -7.14
N GLN A 324 -7.53 16.87 -7.65
CA GLN A 324 -8.64 16.57 -6.77
C GLN A 324 -8.34 15.35 -5.91
N ALA A 325 -7.76 14.31 -6.53
CA ALA A 325 -7.48 13.08 -5.80
C ALA A 325 -6.38 13.30 -4.78
N TRP A 326 -5.34 14.05 -5.13
CA TRP A 326 -4.31 14.36 -4.13
C TRP A 326 -4.86 15.23 -3.01
N ALA A 327 -5.75 16.18 -3.34
CA ALA A 327 -6.41 16.92 -2.29
C ALA A 327 -7.19 16.00 -1.37
N ASP A 328 -7.85 15.01 -1.95
CA ASP A 328 -8.56 14.02 -1.15
C ASP A 328 -7.60 13.19 -0.32
N THR A 329 -6.41 12.88 -0.86
CA THR A 329 -5.40 12.20 -0.06
CA THR A 329 -5.40 12.20 -0.09
C THR A 329 -5.03 13.02 1.15
N ALA A 330 -4.84 14.33 0.95
CA ALA A 330 -4.47 15.19 2.06
C ALA A 330 -5.62 15.35 3.05
N THR A 331 -6.85 15.30 2.57
CA THR A 331 -7.98 15.40 3.49
C THR A 331 -8.08 14.19 4.38
N VAL A 332 -7.54 13.05 3.93
CA VAL A 332 -7.45 11.90 4.82
C VAL A 332 -6.29 12.09 5.79
N ILE A 333 -5.12 12.45 5.28
CA ILE A 333 -3.94 12.51 6.14
C ILE A 333 -4.08 13.58 7.21
N GLN A 334 -4.93 14.58 6.98
CA GLN A 334 -5.00 15.72 7.91
C GLN A 334 -5.42 15.29 9.31
N ASP A 335 -6.15 14.19 9.43
CA ASP A 335 -6.62 13.74 10.73
C ASP A 335 -5.71 12.70 11.35
N TYR A 336 -4.50 12.60 10.84
CA TYR A 336 -3.46 11.76 11.40
C TYR A 336 -2.43 12.65 12.08
N ASN A 337 -1.65 12.03 12.95
CA ASN A 337 -0.44 12.64 13.47
C ASN A 337 0.74 11.99 12.76
N TYR A 338 1.63 12.82 12.22
CA TYR A 338 2.80 12.30 11.54
C TYR A 338 3.76 11.76 12.58
N CYS A 339 3.98 10.46 12.55
CA CYS A 339 4.79 9.80 13.57
C CYS A 339 6.01 9.15 12.95
N ARG A 340 6.98 8.85 13.81
CA ARG A 340 8.10 8.03 13.39
C ARG A 340 7.55 6.70 12.89
N GLU A 341 8.06 6.27 11.75
CA GLU A 341 7.73 5.08 10.97
C GLU A 341 6.61 5.38 9.98
N ASP A 342 6.11 6.61 9.90
CA ASP A 342 5.22 7.01 8.82
C ASP A 342 5.98 7.53 7.60
N GLU A 343 7.30 7.32 7.54
CA GLU A 343 8.12 8.01 6.54
C GLU A 343 7.68 7.67 5.12
N GLU A 344 7.16 6.47 4.89
CA GLU A 344 6.82 6.12 3.52
C GLU A 344 5.74 7.05 2.97
N ILE A 345 4.74 7.39 3.78
CA ILE A 345 3.70 8.25 3.27
C ILE A 345 4.16 9.70 3.25
N TYR A 346 5.06 10.07 4.16
CA TYR A 346 5.72 11.36 4.02
C TYR A 346 6.43 11.46 2.67
N LYS A 347 7.19 10.42 2.32
CA LYS A 347 7.90 10.42 1.04
C LYS A 347 6.94 10.57 -0.11
N GLU A 348 5.79 9.90 -0.04
CA GLU A 348 4.80 10.01 -1.10
C GLU A 348 4.26 11.43 -1.19
N PHE A 349 3.82 12.00 -0.07
CA PHE A 349 3.35 13.38 -0.10
C PHE A 349 4.44 14.32 -0.57
N PHE A 350 5.67 14.11 -0.11
CA PHE A 350 6.78 14.95 -0.53
C PHE A 350 6.98 14.88 -2.04
N GLU A 351 7.01 13.67 -2.58
CA GLU A 351 7.21 13.49 -4.01
C GLU A 351 6.07 14.12 -4.80
N VAL A 352 4.83 13.97 -4.32
CA VAL A 352 3.71 14.58 -5.02
C VAL A 352 3.81 16.08 -4.99
N ALA A 353 4.06 16.66 -3.80
CA ALA A 353 4.09 18.11 -3.70
C ALA A 353 5.28 18.71 -4.40
N ASN A 354 6.42 18.02 -4.39
CA ASN A 354 7.67 18.65 -4.76
C ASN A 354 8.26 18.10 -6.04
N ASP A 355 7.59 17.15 -6.69
CA ASP A 355 8.08 16.63 -7.96
C ASP A 355 6.90 16.43 -8.91
N VAL A 356 5.92 15.65 -8.49
CA VAL A 356 4.88 15.22 -9.42
C VAL A 356 3.97 16.40 -9.78
N ILE A 357 3.42 17.08 -8.79
CA ILE A 357 2.58 18.25 -9.08
C ILE A 357 3.38 19.31 -9.82
N PRO A 358 4.58 19.71 -9.40
CA PRO A 358 5.34 20.67 -10.20
C PRO A 358 5.52 20.25 -11.64
N ASN A 359 5.86 18.99 -11.90
CA ASN A 359 6.05 18.56 -13.28
CA ASN A 359 6.04 18.53 -13.27
C ASN A 359 4.73 18.59 -14.04
N LEU A 360 3.63 18.20 -13.39
CA LEU A 360 2.32 18.30 -14.04
C LEU A 360 1.99 19.75 -14.36
N LEU A 361 2.20 20.65 -13.40
CA LEU A 361 1.85 22.04 -13.65
C LEU A 361 2.80 22.68 -14.64
N LYS A 362 4.06 22.25 -14.64
CA LYS A 362 5.02 22.74 -15.64
C LYS A 362 4.52 22.43 -17.04
N GLU A 363 4.17 21.17 -17.28
CA GLU A 363 3.59 20.83 -18.58
C GLU A 363 2.30 21.57 -18.83
N ALA A 364 1.44 21.65 -17.81
CA ALA A 364 0.19 22.39 -17.98
C ALA A 364 0.46 23.83 -18.39
N ALA A 365 1.49 24.43 -17.80
CA ALA A 365 1.84 25.80 -18.15
C ALA A 365 2.28 25.89 -19.62
N SER A 366 3.11 24.95 -20.06
CA SER A 366 3.52 24.93 -21.46
C SER A 366 2.32 24.73 -22.38
N LEU A 367 1.41 23.84 -21.98
CA LEU A 367 0.23 23.59 -22.81
C LEU A 367 -0.71 24.79 -22.80
N LEU A 368 -0.82 25.46 -21.66
CA LEU A 368 -1.61 26.69 -21.60
C LEU A 368 -1.02 27.74 -22.52
N GLU A 369 0.30 27.90 -22.51
CA GLU A 369 0.94 28.83 -23.42
C GLU A 369 0.66 28.45 -24.86
N ALA A 370 0.56 27.15 -25.16
CA ALA A 370 0.25 26.68 -26.50
C ALA A 370 -1.23 26.71 -26.80
N GLY A 371 -2.05 27.31 -25.94
CA GLY A 371 -3.44 27.55 -26.23
C GLY A 371 -4.42 26.53 -25.69
N SER A 372 -4.04 25.73 -24.69
CA SER A 372 -4.96 24.74 -24.16
C SER A 372 -6.18 25.44 -23.57
N GLN A 373 -7.34 24.80 -23.73
CA GLN A 373 -8.59 25.27 -23.18
C GLN A 373 -9.04 24.32 -22.09
N GLY A 374 -9.80 24.84 -21.13
CA GLY A 374 -10.19 24.05 -19.98
C GLY A 374 -9.03 23.65 -19.11
N SER A 375 -7.90 24.34 -19.21
CA SER A 375 -6.71 23.99 -18.47
C SER A 375 -6.97 24.03 -16.97
N ALA A 376 -6.35 23.09 -16.25
CA ALA A 376 -6.44 23.15 -14.80
C ALA A 376 -5.91 24.47 -14.27
N LEU A 377 -4.95 25.08 -14.97
CA LEU A 377 -4.37 26.31 -14.47
C LEU A 377 -5.31 27.49 -14.58
N GLN A 378 -6.39 27.37 -15.35
CA GLN A 378 -7.41 28.41 -15.41
C GLN A 378 -8.67 28.01 -14.68
N ASP A 379 -8.64 26.88 -13.97
CA ASP A 379 -9.79 26.42 -13.22
C ASP A 379 -9.56 26.75 -11.75
N PRO A 380 -10.31 27.68 -11.17
CA PRO A 380 -10.15 27.95 -9.73
C PRO A 380 -10.43 26.74 -8.86
N GLU A 381 -11.26 25.80 -9.31
CA GLU A 381 -11.44 24.57 -8.54
C GLU A 381 -10.15 23.79 -8.45
N CYS A 382 -9.32 23.84 -9.49
CA CYS A 382 -8.03 23.17 -9.44
C CYS A 382 -7.09 23.88 -8.50
N PHE A 383 -7.12 25.21 -8.51
CA PHE A 383 -6.36 25.94 -7.50
C PHE A 383 -6.84 25.55 -6.11
N ALA A 384 -8.16 25.46 -5.93
CA ALA A 384 -8.69 25.05 -4.63
C ALA A 384 -8.18 23.66 -4.26
N HIS A 385 -8.12 22.74 -5.21
CA HIS A 385 -7.58 21.41 -4.91
C HIS A 385 -6.14 21.50 -4.43
N LEU A 386 -5.33 22.29 -5.13
CA LEU A 386 -3.95 22.47 -4.72
C LEU A 386 -3.90 23.00 -3.29
N LEU A 387 -4.73 24.00 -3.00
CA LEU A 387 -4.78 24.57 -1.65
C LEU A 387 -5.22 23.53 -0.64
N ARG A 388 -6.23 22.72 -0.99
CA ARG A 388 -6.73 21.73 -0.04
C ARG A 388 -5.68 20.65 0.22
N PHE A 389 -4.91 20.31 -0.82
CA PHE A 389 -3.79 19.39 -0.67
C PHE A 389 -2.81 19.92 0.37
N TYR A 390 -2.39 21.17 0.23
CA TYR A 390 -1.49 21.73 1.22
C TYR A 390 -2.16 21.90 2.57
N ASP A 391 -3.44 22.27 2.58
CA ASP A 391 -4.16 22.41 3.85
C ASP A 391 -4.16 21.09 4.62
N GLY A 392 -4.41 19.98 3.92
CA GLY A 392 -4.42 18.70 4.61
C GLY A 392 -3.04 18.33 5.14
N ILE A 393 -2.00 18.65 4.37
CA ILE A 393 -0.65 18.38 4.84
C ILE A 393 -0.33 19.25 6.05
N CYS A 394 -0.74 20.52 6.01
CA CYS A 394 -0.51 21.38 7.16
C CYS A 394 -1.29 20.91 8.38
N LYS A 395 -2.54 20.48 8.18
CA LYS A 395 -3.34 20.02 9.30
C LYS A 395 -2.78 18.72 9.87
N TRP A 396 -2.34 17.83 8.98
CA TRP A 396 -1.59 16.63 9.37
C TRP A 396 -0.49 16.99 10.36
N GLU A 397 0.28 18.01 10.03
CA GLU A 397 1.39 18.43 10.86
C GLU A 397 0.94 18.89 12.24
N GLU A 398 -0.25 19.47 12.35
CA GLU A 398 -0.70 19.99 13.63
C GLU A 398 -0.84 18.86 14.64
N GLY A 399 -0.30 19.07 15.82
CA GLY A 399 -0.35 18.06 16.86
C GLY A 399 0.54 16.87 16.63
N SER A 400 1.32 16.86 15.55
CA SER A 400 2.18 15.73 15.28
C SER A 400 3.46 15.81 16.09
N PRO A 401 3.99 14.67 16.52
CA PRO A 401 5.25 14.68 17.27
C PRO A 401 6.45 15.06 16.44
N THR A 402 6.40 14.85 15.12
CA THR A 402 7.45 15.30 14.24
C THR A 402 6.88 16.23 13.18
N PRO A 403 7.59 17.31 12.85
CA PRO A 403 7.09 18.23 11.83
C PRO A 403 7.05 17.57 10.46
N VAL A 404 6.22 18.16 9.59
CA VAL A 404 6.09 17.72 8.21
C VAL A 404 6.75 18.70 7.27
N LEU A 405 6.34 19.95 7.34
CA LEU A 405 6.79 20.94 6.38
C LEU A 405 8.12 21.51 6.79
N HIS A 406 8.88 21.92 5.79
CA HIS A 406 10.10 22.70 5.99
C HIS A 406 10.29 23.52 4.74
N VAL A 407 11.35 24.34 4.73
CA VAL A 407 11.50 25.28 3.63
C VAL A 407 11.73 24.56 2.31
N GLY A 408 12.18 23.31 2.33
CA GLY A 408 12.33 22.54 1.12
C GLY A 408 11.02 22.26 0.42
N TRP A 409 9.90 22.42 1.13
CA TRP A 409 8.58 22.41 0.53
C TRP A 409 8.16 23.78 0.03
N ALA A 410 8.75 24.85 0.58
CA ALA A 410 8.17 26.17 0.39
C ALA A 410 8.36 26.67 -1.03
N THR A 411 9.53 26.45 -1.62
CA THR A 411 9.76 26.93 -2.96
C THR A 411 8.84 26.25 -3.96
N PHE A 412 8.61 24.95 -3.78
CA PHE A 412 7.68 24.26 -4.69
C PHE A 412 6.26 24.77 -4.49
N LEU A 413 5.86 25.05 -3.25
CA LEU A 413 4.55 25.65 -3.03
C LEU A 413 4.44 26.98 -3.77
N VAL A 414 5.42 27.87 -3.58
CA VAL A 414 5.36 29.16 -4.24
C VAL A 414 5.31 28.97 -5.75
N GLN A 415 6.13 28.06 -6.27
CA GLN A 415 6.15 27.80 -7.71
C GLN A 415 4.80 27.28 -8.19
N SER A 416 4.23 26.33 -7.44
CA SER A 416 2.97 25.75 -7.87
C SER A 416 1.84 26.77 -7.79
N LEU A 417 1.77 27.52 -6.68
CA LEU A 417 0.78 28.59 -6.59
C LEU A 417 0.90 29.53 -7.77
N GLY A 418 2.14 29.90 -8.12
CA GLY A 418 2.39 30.85 -9.19
C GLY A 418 2.02 30.32 -10.57
N ARG A 419 1.86 29.01 -10.71
CA ARG A 419 1.41 28.46 -11.99
C ARG A 419 -0.01 28.89 -12.31
N PHE A 420 -0.79 29.28 -11.30
CA PHE A 420 -2.12 29.83 -11.49
C PHE A 420 -2.03 31.34 -11.48
N GLU A 421 -2.59 31.98 -12.51
CA GLU A 421 -2.63 33.43 -12.53
C GLU A 421 -3.49 33.95 -11.39
N GLY A 422 -3.18 35.17 -10.96
CA GLY A 422 -3.94 35.78 -9.87
C GLY A 422 -5.43 35.83 -10.14
N GLN A 423 -5.82 36.08 -11.40
CA GLN A 423 -7.24 36.14 -11.73
C GLN A 423 -7.91 34.80 -11.53
N VAL A 424 -7.16 33.70 -11.62
CA VAL A 424 -7.73 32.41 -11.28
C VAL A 424 -7.77 32.22 -9.77
N ARG A 425 -6.66 32.57 -9.11
CA ARG A 425 -6.57 32.36 -7.67
C ARG A 425 -7.59 33.21 -6.92
N GLN A 426 -7.87 34.41 -7.42
CA GLN A 426 -8.84 35.28 -6.78
C GLN A 426 -10.24 34.68 -6.73
N LYS A 427 -10.56 33.75 -7.63
CA LYS A 427 -11.91 33.23 -7.69
CA LYS A 427 -11.91 33.22 -7.69
C LYS A 427 -12.22 32.24 -6.57
N VAL A 428 -11.20 31.71 -5.91
CA VAL A 428 -11.45 30.80 -4.79
C VAL A 428 -11.79 31.62 -3.56
N ARG A 429 -13.01 31.47 -3.05
CA ARG A 429 -13.40 32.11 -1.81
C ARG A 429 -13.04 31.18 -0.65
N ILE A 430 -12.17 31.66 0.22
CA ILE A 430 -11.75 30.89 1.39
C ILE A 430 -12.68 31.32 2.53
N VAL A 431 -13.58 30.42 2.90
CA VAL A 431 -14.61 30.72 3.89
C VAL A 431 -14.20 30.13 5.23
N SER A 432 -14.60 30.81 6.29
CA SER A 432 -14.24 30.45 7.65
C SER A 432 -15.32 29.58 8.29
N VAL A 433 -14.93 28.88 9.35
CA VAL A 433 -15.85 28.06 10.11
C VAL A 433 -15.77 28.43 11.58
N PRO A 445 -16.32 28.80 -6.55
CA PRO A 445 -15.46 27.88 -5.79
C PRO A 445 -15.22 28.36 -4.38
N VAL A 446 -15.60 27.53 -3.40
CA VAL A 446 -15.44 27.87 -1.99
C VAL A 446 -14.57 26.81 -1.34
N LEU A 447 -13.73 27.25 -0.42
CA LEU A 447 -12.80 26.37 0.26
C LEU A 447 -12.73 26.77 1.72
N THR A 448 -12.79 25.79 2.60
CA THR A 448 -12.57 26.01 4.02
C THR A 448 -11.27 25.36 4.41
N PHE A 449 -10.38 26.13 5.03
CA PHE A 449 -9.13 25.58 5.52
C PHE A 449 -9.34 24.99 6.89
N GLN A 450 -8.74 23.82 7.10
CA GLN A 450 -8.71 23.22 8.42
C GLN A 450 -7.46 23.58 9.18
N SER A 451 -6.37 23.87 8.47
CA SER A 451 -5.09 24.09 9.10
C SER A 451 -4.91 25.57 9.39
N GLU A 452 -4.28 25.85 10.52
CA GLU A 452 -3.99 27.25 10.82
C GLU A 452 -2.98 27.82 9.85
N LYS A 453 -2.06 27.00 9.34
CA LYS A 453 -1.07 27.53 8.41
C LYS A 453 -1.73 28.05 7.14
N MET A 454 -2.67 27.29 6.57
CA MET A 454 -3.29 27.79 5.36
C MET A 454 -4.25 28.94 5.66
N LYS A 455 -4.88 28.94 6.84
CA LYS A 455 -5.73 30.08 7.20
C LYS A 455 -4.93 31.37 7.20
N GLY A 456 -3.72 31.33 7.77
CA GLY A 456 -2.90 32.52 7.77
C GLY A 456 -2.37 32.85 6.39
N MET A 457 -2.39 31.88 5.49
CA MET A 457 -1.89 32.11 4.15
CA MET A 457 -1.91 32.05 4.12
C MET A 457 -2.94 32.71 3.22
N LYS A 458 -4.21 32.76 3.66
CA LYS A 458 -5.32 33.13 2.79
C LYS A 458 -5.08 34.43 2.04
N GLU A 459 -4.73 35.50 2.76
CA GLU A 459 -4.59 36.79 2.09
C GLU A 459 -3.44 36.79 1.10
N LEU A 460 -2.44 35.93 1.28
CA LEU A 460 -1.32 35.85 0.37
C LEU A 460 -1.65 35.11 -0.92
N LEU A 461 -2.76 34.38 -0.96
CA LEU A 461 -2.98 33.47 -2.07
C LEU A 461 -3.55 34.14 -3.31
N VAL A 462 -3.94 35.42 -3.25
CA VAL A 462 -4.62 36.08 -4.36
C VAL A 462 -3.82 37.23 -4.95
N ALA A 463 -2.66 37.57 -4.40
CA ALA A 463 -1.83 38.61 -4.98
C ALA A 463 -1.37 38.20 -6.38
N THR A 464 -1.35 39.18 -7.29
CA THR A 464 -0.92 38.90 -8.65
C THR A 464 0.48 38.29 -8.68
N LYS A 465 1.39 38.87 -7.90
CA LYS A 465 2.72 38.30 -7.67
C LYS A 465 2.72 37.75 -6.25
N ILE A 466 2.71 36.42 -6.14
CA ILE A 466 2.71 35.78 -4.83
C ILE A 466 3.91 36.26 -4.02
N ASN A 467 3.65 36.67 -2.79
CA ASN A 467 4.74 37.05 -1.89
C ASN A 467 5.49 35.80 -1.45
N SER A 468 6.50 35.41 -2.21
CA SER A 468 7.22 34.17 -1.94
C SER A 468 7.75 34.11 -0.52
N SER A 469 8.38 35.18 -0.05
CA SER A 469 8.97 35.17 1.29
CA SER A 469 8.97 35.17 1.29
C SER A 469 7.90 35.01 2.36
N ALA A 470 6.77 35.71 2.22
CA ALA A 470 5.72 35.60 3.23
C ALA A 470 5.10 34.20 3.22
N ILE A 471 4.90 33.64 2.03
CA ILE A 471 4.42 32.26 1.92
C ILE A 471 5.36 31.32 2.63
N LYS A 472 6.66 31.46 2.36
CA LYS A 472 7.64 30.59 3.00
C LYS A 472 7.57 30.73 4.51
N LEU A 473 7.48 31.96 5.01
CA LEU A 473 7.37 32.16 6.45
C LEU A 473 6.12 31.50 7.00
N GLN A 474 5.01 31.58 6.27
CA GLN A 474 3.76 31.04 6.78
C GLN A 474 3.74 29.52 6.71
N LEU A 475 4.35 28.95 5.67
CA LEU A 475 4.34 27.49 5.54
C LEU A 475 5.27 26.83 6.54
N THR A 476 6.36 27.49 6.90
CA THR A 476 7.35 26.90 7.76
C THR A 476 7.26 27.38 9.20
N ALA A 477 6.38 28.35 9.45
CA ALA A 477 6.27 29.01 10.75
C ALA A 477 7.61 29.56 11.21
N GLN A 478 8.50 29.79 10.24
CA GLN A 478 9.80 30.38 10.52
C GLN A 478 9.60 31.73 11.18
N SER A 479 10.27 31.93 12.32
CA SER A 479 10.04 33.13 13.11
C SER A 479 10.52 34.38 12.38
N GLN A 480 11.69 34.31 11.75
CA GLN A 480 12.45 35.50 11.39
C GLN A 480 12.96 35.39 9.96
N VAL A 481 13.32 36.55 9.42
CA VAL A 481 14.03 36.63 8.15
C VAL A 481 15.50 36.89 8.44
N GLN A 482 16.32 36.88 7.38
CA GLN A 482 17.77 37.00 7.54
C GLN A 482 18.13 38.29 8.26
N MET A 483 19.10 38.20 9.17
CA MET A 483 19.45 39.34 10.00
C MET A 483 20.01 40.50 9.16
N LYS A 484 21.03 40.21 8.35
CA LYS A 484 21.68 41.24 7.55
C LYS A 484 20.92 41.52 6.26
C ACE B 1 14.34 -1.87 -9.14
O ACE B 1 14.31 -2.97 -9.64
CH3 ACE B 1 14.89 -0.71 -8.69
N ALA B 2 13.03 -1.69 -8.90
CA ALA B 2 12.34 -0.56 -8.28
C ALA B 2 12.29 -0.72 -6.76
N ARG B 3 12.23 0.41 -6.05
CA ARG B 3 12.33 0.36 -4.60
C ARG B 3 11.18 -0.45 -4.00
N TRP B 4 11.53 -1.33 -3.07
CA TRP B 4 10.57 -2.18 -2.39
C TRP B 4 9.41 -1.36 -1.82
N ABA B 5 8.11 -1.68 -2.30
CA ABA B 5 7.01 -1.20 -1.91
C ABA B 5 6.24 -2.13 -0.99
O ABA B 5 6.12 -3.34 -1.67
CB ABA B 5 6.27 -0.31 -2.92
CG ABA B 5 5.04 0.27 -2.24
N N0A B 6 5.47 -1.95 0.19
CA N0A B 6 4.62 -2.75 0.67
C N0A B 6 3.74 -3.26 -0.21
O N0A B 6 3.27 -2.55 -1.04
CB N0A B 6 3.92 -1.93 1.74
CG N0A B 6 3.03 -2.77 2.61
CD1 N0A B 6 3.64 -3.51 3.76
CD2 N0A B 6 1.73 -2.85 2.36
CAG N0A B 6 2.88 -4.25 4.53
CAH N0A B 6 1.38 -4.36 4.25
CAI N0A B 6 0.85 -3.70 3.25
FAK N0A B 6 3.44 -4.92 5.57
N PRO B 7 3.45 -4.57 -0.14
CA PRO B 7 2.60 -5.14 -1.19
C PRO B 7 1.29 -4.40 -1.39
N 192 B 8 1.01 -4.12 -2.65
O 192 B 8 -1.01 -1.28 -3.24
CA 192 B 8 -0.28 -3.61 -3.09
C 192 B 8 -0.14 -2.06 -2.95
CB1 192 B 8 -1.50 -3.80 -2.44
CG 192 B 8 -2.20 -4.03 -3.94
CB2 192 B 8 -0.66 -3.64 -4.43
N ABA B 9 1.06 -1.35 -2.60
CA ABA B 9 1.37 -0.12 -2.71
C ABA B 9 1.28 0.31 -3.96
O ABA B 9 1.63 -0.36 -4.87
CB ABA B 9 2.57 0.42 -1.94
CG ABA B 9 3.82 -0.06 -2.67
N PRO B 10 0.84 1.63 -4.27
CA PRO B 10 0.87 2.03 -5.68
C PRO B 10 2.30 2.07 -6.25
N ORN B 11 2.42 1.99 -7.58
CA ORN B 11 3.53 1.83 -8.15
CB ORN B 11 3.39 1.45 -9.62
CG ORN B 11 3.97 0.06 -9.82
CD ORN B 11 2.94 -0.85 -10.49
NE ORN B 11 3.08 -0.80 -11.93
C ORN B 11 4.34 2.87 -8.05
O ORN B 11 3.92 3.96 -7.99
N ARG B 12 5.65 2.57 -8.06
CA ARG B 12 6.68 3.57 -7.81
C ARG B 12 6.62 4.79 -8.72
N ARG B 13 6.90 4.59 -10.01
CA ARG B 13 6.89 5.68 -10.97
C ARG B 13 6.03 5.34 -12.18
S DMS C . 11.49 -25.55 -14.91
O DMS C . 10.46 -25.12 -15.89
C1 DMS C . 12.92 -24.43 -14.98
C2 DMS C . 10.91 -25.26 -13.22
S DMS D . -6.20 19.67 -17.70
O DMS D . -5.21 20.75 -17.37
C1 DMS D . -5.31 18.19 -18.25
C2 DMS D . -7.01 19.04 -16.24
S DMS E . -8.92 -5.83 17.25
O DMS E . -8.15 -6.48 16.14
C1 DMS E . -7.90 -4.56 18.04
C2 DMS E . -10.25 -4.81 16.58
S DMS F . -1.05 -16.68 -23.27
O DMS F . -0.41 -17.48 -22.18
C1 DMS F . 0.22 -15.93 -24.32
C2 DMS F . -1.85 -17.77 -24.47
S SO4 G . 21.40 -10.96 -0.87
O1 SO4 G . 21.98 -10.50 -2.13
O2 SO4 G . 21.22 -12.40 -0.91
O3 SO4 G . 20.11 -10.30 -0.67
O4 SO4 G . 22.30 -10.62 0.24
S SO4 H . -1.70 -33.22 -17.33
O1 SO4 H . -0.40 -33.87 -17.20
O2 SO4 H . -2.34 -33.63 -18.57
O3 SO4 H . -2.55 -33.58 -16.19
O4 SO4 H . -1.51 -31.76 -17.35
S SO4 I . 9.53 26.79 -16.49
O1 SO4 I . 10.34 26.25 -17.57
O2 SO4 I . 9.61 25.90 -15.33
O3 SO4 I . 8.14 26.87 -16.93
O4 SO4 I . 10.00 28.12 -16.11
O1 PG4 J . 9.20 -13.15 -26.72
C1 PG4 J . 7.84 -12.82 -26.84
C2 PG4 J . 7.09 -13.95 -27.55
O2 PG4 J . 6.46 -14.77 -26.59
C3 PG4 J . 7.33 -15.70 -26.01
C4 PG4 J . 6.60 -16.65 -25.07
O3 PG4 J . 7.49 -17.66 -24.68
C5 PG4 J . 8.38 -17.27 -23.66
C6 PG4 J . 9.44 -18.35 -23.44
O4 PG4 J . 10.71 -17.75 -23.34
C7 PG4 J . 11.53 -17.98 -24.45
C8 PG4 J . 12.07 -16.67 -24.99
O5 PG4 J . 13.00 -16.94 -26.02
#